data_5SCV
#
_entry.id   5SCV
#
_cell.length_a   30.260
_cell.length_b   67.420
_cell.length_c   75.250
_cell.angle_alpha   90.000
_cell.angle_beta   96.420
_cell.angle_gamma   90.000
#
_symmetry.space_group_name_H-M   'P 1 21 1'
#
loop_
_entity.id
_entity.type
_entity.pdbx_description
1 polymer 'Dihydrofolate reductase'
2 non-polymer 'NADP NICOTINAMIDE-ADENINE-DINUCLEOTIDE PHOSPHATE'
3 non-polymer 6-ethyl-5-(4-{3-[3-(1H-tetrazol-5-yl)propyl]phenoxy}butoxy)pyrimidine-2,4-diamine
4 non-polymer 'CHLORIDE ION'
5 water water
#
_entity_poly.entity_id   1
_entity_poly.type   'polypeptide(L)'
_entity_poly.pdbx_seq_one_letter_code
;MGSSHHHHHHSSGLVPRGSHMVGLIWAQATSGVIGRGGDIPWRLPEDQAHFREITMGHTIVMGRRTWDSLPAKVRPLPGR
RNVVLSRQADFMASGAEVVGSLEEALTSPETWVIGGGQVYALALPYATRCEVTEVDIGLPREAGDALAPVLDETWRGETG
EWRFSRSGLRYRLYSYHRS
;
_entity_poly.pdbx_strand_id   A,B
#
loop_
_chem_comp.id
_chem_comp.type
_chem_comp.name
_chem_comp.formula
CL non-polymer 'CHLORIDE ION' 'Cl -1'
H4U non-polymer 6-ethyl-5-(4-{3-[3-(1H-tetrazol-5-yl)propyl]phenoxy}butoxy)pyrimidine-2,4-diamine 'C20 H28 N8 O2'
NAP non-polymer 'NADP NICOTINAMIDE-ADENINE-DINUCLEOTIDE PHOSPHATE' 'C21 H28 N7 O17 P3'
#
# COMPACT_ATOMS: atom_id res chain seq x y z
N HIS A 7 14.73 20.07 8.04
CA HIS A 7 14.19 18.80 8.54
C HIS A 7 13.11 18.23 7.63
N HIS A 8 12.99 16.90 7.63
CA HIS A 8 11.89 16.23 6.97
C HIS A 8 10.68 16.25 7.89
N HIS A 9 9.51 16.45 7.30
CA HIS A 9 8.29 16.27 8.08
C HIS A 9 8.30 14.85 8.61
N HIS A 10 8.74 14.69 9.87
CA HIS A 10 8.75 13.37 10.50
C HIS A 10 7.34 12.79 10.44
N SER A 11 6.98 12.25 9.29
CA SER A 11 5.65 11.73 9.02
C SER A 11 5.69 10.21 9.02
N SER A 12 4.63 9.59 9.55
CA SER A 12 4.57 8.13 9.53
C SER A 12 4.45 7.61 8.11
N GLY A 13 3.73 8.33 7.26
CA GLY A 13 3.50 7.87 5.89
C GLY A 13 2.70 6.58 5.81
N LEU A 14 1.97 6.23 6.87
CA LEU A 14 1.17 5.02 6.93
C LEU A 14 -0.31 5.39 6.86
N VAL A 15 -1.06 4.67 6.04
CA VAL A 15 -2.51 4.83 5.98
C VAL A 15 -3.10 3.44 5.76
N PRO A 16 -3.87 2.92 6.70
CA PRO A 16 -4.51 1.62 6.48
C PRO A 16 -5.52 1.72 5.34
N ARG A 17 -5.82 0.58 4.74
CA ARG A 17 -6.79 0.50 3.67
CA ARG A 17 -6.80 0.51 3.67
C ARG A 17 -7.79 -0.61 3.96
N GLY A 18 -8.95 -0.53 3.32
CA GLY A 18 -9.96 -1.57 3.40
C GLY A 18 -10.11 -2.30 2.08
N SER A 19 -11.30 -2.83 1.82
CA SER A 19 -11.51 -3.60 0.59
C SER A 19 -11.61 -2.71 -0.65
N HIS A 20 -11.84 -1.41 -0.48
CA HIS A 20 -11.83 -0.48 -1.60
C HIS A 20 -10.96 0.70 -1.23
N MET A 21 -10.06 1.07 -2.13
CA MET A 21 -9.21 2.24 -1.94
C MET A 21 -9.40 3.12 -3.16
N VAL A 22 -10.02 4.28 -2.98
CA VAL A 22 -10.14 5.26 -4.05
C VAL A 22 -9.31 6.44 -3.63
N GLY A 23 -8.25 6.72 -4.38
CA GLY A 23 -7.34 7.82 -4.11
C GLY A 23 -7.50 8.87 -5.19
N LEU A 24 -7.36 10.14 -4.80
CA LEU A 24 -7.27 11.25 -5.71
C LEU A 24 -5.86 11.81 -5.60
N ILE A 25 -5.26 12.16 -6.73
CA ILE A 25 -3.93 12.76 -6.69
C ILE A 25 -3.92 13.92 -7.66
N TRP A 26 -3.44 15.08 -7.19
CA TRP A 26 -3.35 16.26 -8.05
C TRP A 26 -2.27 17.18 -7.52
N ALA A 27 -1.87 18.12 -8.38
CA ALA A 27 -1.00 19.22 -8.00
C ALA A 27 -1.75 20.52 -8.24
N GLN A 28 -1.75 21.40 -7.26
CA GLN A 28 -2.50 22.65 -7.37
C GLN A 28 -1.65 23.85 -7.01
N ALA A 29 -1.97 24.97 -7.64
CA ALA A 29 -1.49 26.26 -7.16
C ALA A 29 -2.20 26.60 -5.86
N THR A 30 -1.65 27.58 -5.13
CA THR A 30 -2.29 28.06 -3.91
C THR A 30 -3.76 28.36 -4.12
N SER A 31 -4.10 28.96 -5.26
CA SER A 31 -5.46 29.37 -5.59
C SER A 31 -6.38 28.20 -5.88
N GLY A 32 -5.84 26.99 -6.02
CA GLY A 32 -6.63 25.85 -6.43
C GLY A 32 -6.62 25.56 -7.92
N VAL A 33 -6.00 26.41 -8.73
CA VAL A 33 -5.87 26.12 -10.16
C VAL A 33 -5.08 24.83 -10.34
N ILE A 34 -5.61 23.92 -11.15
CA ILE A 34 -4.87 22.74 -11.55
C ILE A 34 -4.64 22.66 -13.05
N GLY A 35 -5.37 23.42 -13.87
CA GLY A 35 -5.23 23.29 -15.30
C GLY A 35 -5.73 24.52 -16.02
N ARG A 36 -5.18 24.74 -17.20
CA ARG A 36 -5.40 25.97 -17.94
C ARG A 36 -4.99 25.72 -19.38
N GLY A 37 -5.87 26.03 -20.32
CA GLY A 37 -5.53 25.93 -21.73
C GLY A 37 -5.22 24.53 -22.19
N GLY A 38 -5.70 23.52 -21.48
CA GLY A 38 -5.39 22.15 -21.81
C GLY A 38 -4.10 21.63 -21.24
N ASP A 39 -3.46 22.36 -20.33
CA ASP A 39 -2.18 21.95 -19.79
C ASP A 39 -2.15 22.27 -18.30
N ILE A 40 -1.04 21.96 -17.67
CA ILE A 40 -0.75 22.37 -16.29
C ILE A 40 0.18 23.58 -16.36
N PRO A 41 -0.16 24.71 -15.71
CA PRO A 41 0.60 25.96 -15.92
C PRO A 41 1.86 26.14 -15.07
N TRP A 42 2.58 25.07 -14.79
CA TRP A 42 3.91 25.11 -14.20
C TRP A 42 4.60 23.80 -14.55
N ARG A 43 5.89 23.73 -14.24
CA ARG A 43 6.64 22.49 -14.39
C ARG A 43 7.39 22.21 -13.09
N LEU A 44 7.28 20.98 -12.58
CA LEU A 44 7.85 20.63 -11.29
C LEU A 44 8.31 19.18 -11.36
N PRO A 45 9.61 18.95 -11.62
CA PRO A 45 10.10 17.57 -11.79
C PRO A 45 9.79 16.67 -10.62
N GLU A 46 9.91 17.19 -9.41
CA GLU A 46 9.69 16.37 -8.22
C GLU A 46 8.24 15.92 -8.14
N ASP A 47 7.31 16.73 -8.63
CA ASP A 47 5.92 16.32 -8.61
C ASP A 47 5.64 15.25 -9.68
N GLN A 48 6.26 15.37 -10.84
CA GLN A 48 6.15 14.29 -11.83
C GLN A 48 6.65 12.98 -11.24
N ALA A 49 7.80 13.03 -10.55
CA ALA A 49 8.37 11.83 -9.94
C ALA A 49 7.47 11.28 -8.85
N HIS A 50 6.84 12.19 -8.08
CA HIS A 50 5.91 11.80 -7.03
C HIS A 50 4.66 11.18 -7.60
N PHE A 51 4.08 11.82 -8.61
CA PHE A 51 2.89 11.28 -9.26
C PHE A 51 3.18 9.90 -9.82
N ARG A 52 4.33 9.74 -10.49
CA ARG A 52 4.67 8.45 -11.06
C ARG A 52 4.82 7.39 -9.98
N GLU A 53 5.49 7.70 -8.87
CA GLU A 53 5.76 6.65 -7.89
C GLU A 53 4.50 6.24 -7.13
N ILE A 54 3.58 7.18 -6.87
CA ILE A 54 2.33 6.84 -6.20
C ILE A 54 1.48 5.94 -7.07
N THR A 55 1.39 6.25 -8.36
CA THR A 55 0.43 5.57 -9.24
C THR A 55 0.97 4.32 -9.91
N MET A 56 2.30 4.11 -9.94
CA MET A 56 2.84 2.97 -10.67
CA MET A 56 2.86 2.97 -10.66
C MET A 56 2.23 1.66 -10.22
N GLY A 57 1.88 0.81 -11.19
CA GLY A 57 1.33 -0.49 -10.91
C GLY A 57 -0.15 -0.53 -10.56
N HIS A 58 -0.83 0.62 -10.60
CA HIS A 58 -2.22 0.71 -10.19
C HIS A 58 -3.10 1.10 -11.37
N THR A 59 -4.41 0.87 -11.19
CA THR A 59 -5.38 1.41 -12.13
C THR A 59 -5.48 2.90 -11.93
N ILE A 60 -5.42 3.66 -13.02
CA ILE A 60 -5.58 5.11 -12.97
C ILE A 60 -6.81 5.47 -13.79
N VAL A 61 -7.59 6.41 -13.26
CA VAL A 61 -8.83 6.83 -13.88
C VAL A 61 -8.68 8.31 -14.21
N MET A 62 -9.02 8.69 -15.45
CA MET A 62 -8.92 10.09 -15.83
C MET A 62 -10.09 10.48 -16.73
N GLY A 63 -10.48 11.75 -16.64
CA GLY A 63 -11.40 12.31 -17.61
C GLY A 63 -10.80 12.39 -19.01
N ARG A 64 -11.67 12.46 -20.01
CA ARG A 64 -11.20 12.45 -21.38
C ARG A 64 -10.30 13.65 -21.66
N ARG A 65 -10.58 14.80 -21.05
CA ARG A 65 -9.75 15.98 -21.31
C ARG A 65 -8.36 15.81 -20.69
N THR A 66 -8.27 15.06 -19.58
CA THR A 66 -6.97 14.77 -19.00
C THR A 66 -6.18 13.80 -19.87
N TRP A 67 -6.86 12.82 -20.48
CA TRP A 67 -6.21 11.98 -21.47
C TRP A 67 -5.65 12.82 -22.62
N ASP A 68 -6.47 13.74 -23.13
CA ASP A 68 -6.02 14.66 -24.17
C ASP A 68 -4.79 15.44 -23.75
N SER A 69 -4.66 15.74 -22.45
CA SER A 69 -3.58 16.61 -21.96
C SER A 69 -2.30 15.84 -21.64
N LEU A 70 -2.34 14.51 -21.66
CA LEU A 70 -1.12 13.75 -21.45
C LEU A 70 -0.15 14.02 -22.60
N PRO A 71 1.15 14.15 -22.31
CA PRO A 71 2.15 14.17 -23.39
C PRO A 71 1.96 12.93 -24.25
N ALA A 72 1.88 13.15 -25.57
CA ALA A 72 1.49 12.08 -26.48
C ALA A 72 2.44 10.88 -26.39
N LYS A 73 3.68 11.09 -25.96
CA LYS A 73 4.63 9.98 -25.86
C LYS A 73 4.45 9.15 -24.58
N VAL A 74 3.71 9.62 -23.58
CA VAL A 74 3.40 8.82 -22.41
C VAL A 74 1.89 8.63 -22.32
N ARG A 75 1.27 8.47 -23.48
CA ARG A 75 -0.16 8.18 -23.54
C ARG A 75 -0.29 6.84 -24.24
N PRO A 76 -0.73 5.76 -23.57
CA PRO A 76 -1.14 5.68 -22.16
C PRO A 76 0.06 5.76 -21.22
N LEU A 77 -0.19 6.16 -19.98
CA LEU A 77 0.88 6.21 -19.00
C LEU A 77 1.40 4.80 -18.77
N PRO A 78 2.69 4.54 -18.97
CA PRO A 78 3.18 3.16 -18.88
C PRO A 78 3.12 2.61 -17.45
N GLY A 79 2.92 1.29 -17.36
CA GLY A 79 3.00 0.63 -16.09
C GLY A 79 1.74 0.71 -15.26
N ARG A 80 0.67 1.29 -15.80
CA ARG A 80 -0.60 1.49 -15.12
C ARG A 80 -1.73 1.09 -16.04
N ARG A 81 -2.81 0.58 -15.45
CA ARG A 81 -4.02 0.30 -16.23
C ARG A 81 -4.75 1.62 -16.43
N ASN A 82 -4.74 2.14 -17.65
CA ASN A 82 -5.30 3.45 -17.95
C ASN A 82 -6.79 3.34 -18.25
N VAL A 83 -7.61 4.05 -17.48
CA VAL A 83 -9.06 4.06 -17.64
C VAL A 83 -9.48 5.49 -17.95
N VAL A 84 -10.11 5.69 -19.11
CA VAL A 84 -10.57 7.01 -19.54
C VAL A 84 -12.09 7.07 -19.46
N LEU A 85 -12.58 8.09 -18.77
CA LEU A 85 -14.01 8.35 -18.64
CA LEU A 85 -14.01 8.34 -18.64
C LEU A 85 -14.45 9.26 -19.77
N SER A 86 -15.42 8.81 -20.56
CA SER A 86 -15.93 9.64 -21.65
C SER A 86 -17.38 9.24 -21.89
N ARG A 87 -18.19 10.18 -22.38
CA ARG A 87 -19.52 9.83 -22.84
C ARG A 87 -19.55 9.56 -24.33
N GLN A 88 -18.40 9.57 -25.00
CA GLN A 88 -18.29 9.21 -26.41
C GLN A 88 -18.00 7.72 -26.51
N ALA A 89 -19.00 6.94 -26.94
CA ALA A 89 -18.80 5.50 -27.04
C ALA A 89 -17.68 5.16 -28.00
N ASP A 90 -17.46 5.98 -29.03
CA ASP A 90 -16.49 5.66 -30.07
C ASP A 90 -15.13 6.31 -29.83
N PHE A 91 -14.88 6.82 -28.62
CA PHE A 91 -13.62 7.48 -28.35
C PHE A 91 -12.44 6.52 -28.52
N MET A 92 -11.41 6.98 -29.20
CA MET A 92 -10.20 6.20 -29.45
C MET A 92 -9.14 6.59 -28.42
N ALA A 93 -8.87 5.69 -27.47
CA ALA A 93 -7.80 5.87 -26.49
C ALA A 93 -6.91 4.64 -26.60
N SER A 94 -5.97 4.68 -27.54
CA SER A 94 -5.16 3.51 -27.83
C SER A 94 -4.34 3.10 -26.62
N GLY A 95 -4.42 1.82 -26.26
CA GLY A 95 -3.71 1.30 -25.11
C GLY A 95 -4.38 1.52 -23.79
N ALA A 96 -5.57 2.12 -23.78
CA ALA A 96 -6.37 2.33 -22.59
C ALA A 96 -7.73 1.67 -22.78
N GLU A 97 -8.56 1.77 -21.77
CA GLU A 97 -9.96 1.40 -21.89
C GLU A 97 -10.81 2.63 -21.65
N VAL A 98 -11.99 2.65 -22.26
CA VAL A 98 -12.91 3.77 -22.15
C VAL A 98 -14.16 3.29 -21.43
N VAL A 99 -14.55 4.00 -20.37
CA VAL A 99 -15.73 3.64 -19.61
C VAL A 99 -16.67 4.84 -19.58
N GLY A 100 -17.96 4.55 -19.52
CA GLY A 100 -18.99 5.55 -19.65
C GLY A 100 -19.55 6.06 -18.36
N SER A 101 -19.13 5.50 -17.22
CA SER A 101 -19.71 5.90 -15.95
C SER A 101 -18.64 5.80 -14.87
N LEU A 102 -18.76 6.70 -13.89
CA LEU A 102 -17.83 6.72 -12.79
C LEU A 102 -17.91 5.45 -11.96
N GLU A 103 -19.12 4.87 -11.83
CA GLU A 103 -19.29 3.65 -11.07
C GLU A 103 -18.41 2.53 -11.63
N GLU A 104 -18.45 2.33 -12.95
CA GLU A 104 -17.61 1.31 -13.57
C GLU A 104 -16.13 1.67 -13.47
N ALA A 105 -15.80 2.95 -13.56
CA ALA A 105 -14.41 3.37 -13.49
C ALA A 105 -13.77 3.05 -12.14
N LEU A 106 -14.56 3.01 -11.07
CA LEU A 106 -14.04 2.79 -9.72
C LEU A 106 -14.21 1.35 -9.26
N THR A 107 -14.27 0.40 -10.20
CA THR A 107 -14.45 -1.00 -9.83
C THR A 107 -13.16 -1.66 -9.38
N SER A 108 -12.00 -1.17 -9.81
CA SER A 108 -10.75 -1.79 -9.36
C SER A 108 -10.58 -1.60 -7.86
N PRO A 109 -10.15 -2.63 -7.14
CA PRO A 109 -10.03 -2.51 -5.67
C PRO A 109 -9.13 -1.36 -5.23
N GLU A 110 -8.11 -1.03 -6.00
CA GLU A 110 -7.30 0.16 -5.78
C GLU A 110 -7.39 0.99 -7.05
N THR A 111 -7.74 2.26 -6.89
CA THR A 111 -7.87 3.15 -8.04
C THR A 111 -7.31 4.51 -7.66
N TRP A 112 -6.49 5.09 -8.53
CA TRP A 112 -6.08 6.47 -8.39
C TRP A 112 -6.75 7.30 -9.47
N VAL A 113 -7.53 8.29 -9.03
CA VAL A 113 -8.11 9.28 -9.93
C VAL A 113 -7.08 10.37 -10.17
N ILE A 114 -6.69 10.57 -11.42
CA ILE A 114 -5.57 11.45 -11.76
C ILE A 114 -6.03 12.72 -12.48
N GLY A 115 -7.33 13.00 -12.50
CA GLY A 115 -7.85 14.25 -13.05
C GLY A 115 -8.98 14.00 -14.02
N GLY A 116 -9.60 15.10 -14.47
CA GLY A 116 -9.24 16.47 -14.08
C GLY A 116 -10.29 17.07 -13.15
N GLY A 117 -10.58 18.36 -13.31
CA GLY A 117 -11.43 19.04 -12.35
C GLY A 117 -12.80 18.38 -12.24
N GLN A 118 -13.39 17.99 -13.37
CA GLN A 118 -14.72 17.38 -13.36
C GLN A 118 -14.70 16.04 -12.64
N VAL A 119 -13.70 15.22 -12.95
CA VAL A 119 -13.68 13.87 -12.39
C VAL A 119 -13.38 13.90 -10.90
N TYR A 120 -12.45 14.77 -10.44
CA TYR A 120 -12.22 14.88 -9.00
C TYR A 120 -13.50 15.18 -8.26
N ALA A 121 -14.28 16.13 -8.78
CA ALA A 121 -15.50 16.54 -8.08
C ALA A 121 -16.46 15.37 -7.95
N LEU A 122 -16.66 14.62 -9.02
CA LEU A 122 -17.63 13.54 -8.96
C LEU A 122 -17.15 12.37 -8.10
N ALA A 123 -15.83 12.13 -8.08
CA ALA A 123 -15.28 10.99 -7.36
C ALA A 123 -15.04 11.27 -5.88
N LEU A 124 -15.00 12.55 -5.49
CA LEU A 124 -14.62 12.88 -4.12
C LEU A 124 -15.49 12.19 -3.05
N PRO A 125 -16.81 12.02 -3.21
CA PRO A 125 -17.56 11.34 -2.15
C PRO A 125 -17.09 9.94 -1.86
N TYR A 126 -16.41 9.28 -2.79
CA TYR A 126 -15.96 7.91 -2.63
C TYR A 126 -14.50 7.80 -2.22
N ALA A 127 -13.78 8.91 -2.20
CA ALA A 127 -12.34 8.87 -2.01
C ALA A 127 -11.99 8.68 -0.53
N THR A 128 -10.94 7.90 -0.29
CA THR A 128 -10.40 7.71 1.05
C THR A 128 -8.98 8.23 1.21
N ARG A 129 -8.33 8.65 0.12
CA ARG A 129 -7.01 9.24 0.17
C ARG A 129 -6.96 10.40 -0.82
N CYS A 130 -6.28 11.47 -0.45
CA CYS A 130 -5.94 12.55 -1.37
C CYS A 130 -4.45 12.83 -1.22
N GLU A 131 -3.72 12.72 -2.31
CA GLU A 131 -2.28 13.04 -2.36
C GLU A 131 -2.17 14.35 -3.13
N VAL A 132 -1.86 15.43 -2.42
CA VAL A 132 -1.94 16.77 -2.99
C VAL A 132 -0.55 17.40 -2.97
N THR A 133 -0.11 17.88 -4.12
CA THR A 133 1.07 18.72 -4.17
C THR A 133 0.61 20.16 -4.23
N GLU A 134 1.02 20.95 -3.25
CA GLU A 134 0.72 22.37 -3.24
C GLU A 134 1.93 23.11 -3.79
N VAL A 135 1.71 23.80 -4.92
CA VAL A 135 2.75 24.57 -5.59
C VAL A 135 2.60 26.01 -5.18
N ASP A 136 3.66 26.59 -4.59
CA ASP A 136 3.62 27.95 -4.05
C ASP A 136 3.80 28.94 -5.20
N ILE A 137 2.77 29.02 -6.03
CA ILE A 137 2.73 29.95 -7.15
C ILE A 137 1.39 30.69 -7.08
N GLY A 138 1.45 32.01 -7.20
CA GLY A 138 0.28 32.85 -7.02
C GLY A 138 -0.47 33.10 -8.31
N LEU A 139 -0.76 32.05 -9.04
CA LEU A 139 -1.64 32.12 -10.21
C LEU A 139 -3.09 32.31 -9.76
N PRO A 140 -3.72 33.44 -10.03
CA PRO A 140 -5.13 33.59 -9.67
C PRO A 140 -6.02 32.75 -10.56
N ARG A 141 -7.21 32.43 -10.06
CA ARG A 141 -8.18 31.69 -10.86
C ARG A 141 -8.66 32.58 -12.00
N GLU A 142 -8.80 31.98 -13.18
CA GLU A 142 -9.21 32.70 -14.39
C GLU A 142 -10.38 31.96 -15.01
N ALA A 143 -11.11 32.67 -15.88
CA ALA A 143 -12.19 32.05 -16.64
C ALA A 143 -11.68 30.84 -17.40
N GLY A 144 -12.36 29.71 -17.22
CA GLY A 144 -12.05 28.49 -17.93
C GLY A 144 -11.07 27.56 -17.22
N ASP A 145 -10.49 27.99 -16.09
CA ASP A 145 -9.54 27.15 -15.38
C ASP A 145 -10.20 25.88 -14.87
N ALA A 146 -9.40 24.81 -14.82
CA ALA A 146 -9.78 23.62 -14.08
C ALA A 146 -9.30 23.78 -12.64
N LEU A 147 -10.13 23.37 -11.69
CA LEU A 147 -9.93 23.67 -10.28
C LEU A 147 -9.90 22.39 -9.44
N ALA A 148 -9.10 22.42 -8.38
CA ALA A 148 -9.03 21.37 -7.39
C ALA A 148 -10.23 21.44 -6.44
N PRO A 149 -10.68 20.30 -5.93
CA PRO A 149 -11.74 20.31 -4.92
C PRO A 149 -11.28 20.97 -3.64
N VAL A 150 -12.24 21.56 -2.92
CA VAL A 150 -12.02 22.04 -1.57
C VAL A 150 -12.25 20.87 -0.61
N LEU A 151 -11.24 20.58 0.21
CA LEU A 151 -11.32 19.44 1.11
C LEU A 151 -11.81 19.91 2.47
N ASP A 152 -12.86 19.26 2.97
CA ASP A 152 -13.41 19.65 4.26
C ASP A 152 -12.66 18.91 5.37
N GLU A 153 -13.16 19.06 6.59
CA GLU A 153 -12.53 18.55 7.79
C GLU A 153 -12.76 17.06 8.02
N THR A 154 -13.48 16.37 7.14
CA THR A 154 -13.47 14.90 7.21
C THR A 154 -12.10 14.36 6.83
N TRP A 155 -11.31 15.16 6.12
CA TRP A 155 -9.97 14.77 5.70
C TRP A 155 -8.96 15.09 6.80
N ARG A 156 -8.01 14.18 6.98
CA ARG A 156 -6.98 14.36 7.99
C ARG A 156 -5.70 13.73 7.46
N GLY A 157 -4.60 14.09 8.07
CA GLY A 157 -3.36 13.48 7.63
C GLY A 157 -2.18 14.35 7.98
N GLU A 158 -1.19 14.33 7.08
CA GLU A 158 0.10 14.94 7.36
C GLU A 158 0.46 15.95 6.30
N THR A 159 1.08 17.05 6.73
CA THR A 159 1.55 18.13 5.87
C THR A 159 3.08 18.09 5.84
N GLY A 160 3.65 18.02 4.64
CA GLY A 160 5.09 18.04 4.51
C GLY A 160 5.66 19.45 4.59
N GLU A 161 6.98 19.50 4.78
CA GLU A 161 7.67 20.77 4.81
C GLU A 161 7.71 21.38 3.41
N TRP A 162 7.83 22.71 3.36
CA TRP A 162 8.15 23.39 2.11
C TRP A 162 9.50 22.93 1.58
N ARG A 163 9.58 22.75 0.27
CA ARG A 163 10.80 22.33 -0.41
C ARG A 163 10.98 23.20 -1.64
N PHE A 164 12.23 23.45 -2.03
CA PHE A 164 12.54 24.08 -3.31
C PHE A 164 12.92 23.03 -4.33
N SER A 165 12.34 23.13 -5.52
CA SER A 165 12.92 22.45 -6.67
CA SER A 165 12.90 22.46 -6.68
C SER A 165 14.21 23.15 -7.07
N ARG A 166 15.07 22.45 -7.83
CA ARG A 166 16.34 23.06 -8.22
C ARG A 166 16.10 24.34 -9.02
N SER A 167 14.97 24.40 -9.73
CA SER A 167 14.56 25.61 -10.45
C SER A 167 14.29 26.76 -9.49
N GLY A 168 14.02 26.48 -8.22
CA GLY A 168 13.62 27.49 -7.27
C GLY A 168 12.14 27.53 -6.98
N LEU A 169 11.32 26.76 -7.69
CA LEU A 169 9.89 26.71 -7.40
C LEU A 169 9.65 25.99 -6.08
N ARG A 170 8.81 26.57 -5.23
CA ARG A 170 8.57 26.00 -3.90
C ARG A 170 7.28 25.20 -3.88
N TYR A 171 7.28 24.08 -3.17
CA TYR A 171 6.14 23.18 -3.14
C TYR A 171 6.15 22.39 -1.84
N ARG A 172 5.01 21.77 -1.53
CA ARG A 172 4.94 20.85 -0.39
CA ARG A 172 4.93 20.86 -0.39
C ARG A 172 3.90 19.79 -0.69
N LEU A 173 3.99 18.67 0.03
CA LEU A 173 3.11 17.52 -0.18
C LEU A 173 2.18 17.33 1.01
N TYR A 174 0.90 17.15 0.73
CA TYR A 174 -0.10 16.79 1.71
C TYR A 174 -0.55 15.37 1.45
N SER A 175 -0.59 14.54 2.49
CA SER A 175 -1.12 13.19 2.38
CA SER A 175 -1.11 13.19 2.39
C SER A 175 -2.34 13.10 3.29
N TYR A 176 -3.53 13.20 2.69
CA TYR A 176 -4.79 13.18 3.40
C TYR A 176 -5.43 11.81 3.31
N HIS A 177 -6.19 11.47 4.34
CA HIS A 177 -6.96 10.22 4.32
C HIS A 177 -8.21 10.38 5.16
N ARG A 178 -9.12 9.43 5.01
CA ARG A 178 -10.28 9.31 5.89
C ARG A 178 -10.76 7.87 5.82
N SER A 179 -11.67 7.53 6.73
CA SER A 179 -12.14 6.16 6.86
C SER A 179 -13.00 5.73 5.66
N LEU B 14 9.62 -2.38 -7.57
CA LEU B 14 10.46 -1.36 -6.97
C LEU B 14 9.73 -0.64 -5.85
N VAL B 15 10.37 -0.56 -4.68
CA VAL B 15 9.77 0.06 -3.50
C VAL B 15 10.37 1.47 -3.37
N PRO B 16 9.56 2.52 -3.47
CA PRO B 16 10.09 3.86 -3.20
C PRO B 16 10.60 3.95 -1.76
N ARG B 17 11.73 4.63 -1.59
CA ARG B 17 12.44 4.53 -0.32
C ARG B 17 11.77 5.31 0.79
N GLY B 18 10.89 6.25 0.46
CA GLY B 18 10.08 6.91 1.44
C GLY B 18 8.77 6.25 1.75
N SER B 19 8.45 5.13 1.10
CA SER B 19 7.21 4.43 1.37
C SER B 19 7.43 3.40 2.47
N HIS B 20 6.37 2.69 2.84
CA HIS B 20 6.47 1.66 3.88
C HIS B 20 5.81 0.39 3.35
N MET B 21 6.57 -0.41 2.62
CA MET B 21 6.08 -1.70 2.14
C MET B 21 6.01 -2.66 3.32
N VAL B 22 4.80 -3.15 3.60
CA VAL B 22 4.56 -4.10 4.67
C VAL B 22 4.15 -5.42 4.03
N GLY B 23 4.88 -6.48 4.35
CA GLY B 23 4.54 -7.81 3.90
C GLY B 23 4.21 -8.69 5.09
N LEU B 24 3.28 -9.62 4.87
CA LEU B 24 2.97 -10.64 5.84
CA LEU B 24 2.95 -10.64 5.85
C LEU B 24 3.49 -11.97 5.33
N ILE B 25 4.05 -12.77 6.24
CA ILE B 25 4.52 -14.10 5.85
C ILE B 25 4.06 -15.10 6.90
N TRP B 26 3.43 -16.17 6.44
CA TRP B 26 2.95 -17.19 7.37
C TRP B 26 2.85 -18.52 6.64
N ALA B 27 2.76 -19.59 7.43
CA ALA B 27 2.47 -20.93 6.95
C ALA B 27 1.15 -21.38 7.57
N GLN B 28 0.25 -21.93 6.75
CA GLN B 28 -1.07 -22.31 7.25
C GLN B 28 -1.45 -23.70 6.77
N ALA B 29 -2.25 -24.39 7.58
CA ALA B 29 -2.99 -25.54 7.10
C ALA B 29 -4.06 -25.08 6.11
N THR B 30 -4.58 -26.02 5.31
CA THR B 30 -5.63 -25.69 4.34
C THR B 30 -6.77 -24.91 4.98
N SER B 31 -7.12 -25.27 6.21
CA SER B 31 -8.23 -24.62 6.93
C SER B 31 -7.92 -23.20 7.39
N GLY B 32 -6.66 -22.77 7.33
CA GLY B 32 -6.27 -21.47 7.86
C GLY B 32 -5.63 -21.52 9.23
N VAL B 33 -5.59 -22.69 9.89
CA VAL B 33 -4.92 -22.77 11.17
C VAL B 33 -3.44 -22.47 10.99
N ILE B 34 -2.92 -21.54 11.79
CA ILE B 34 -1.49 -21.27 11.82
C ILE B 34 -0.86 -21.59 13.17
N GLY B 35 -1.64 -21.75 14.24
CA GLY B 35 -1.07 -21.98 15.54
C GLY B 35 -2.07 -22.65 16.45
N ARG B 36 -1.56 -23.46 17.38
CA ARG B 36 -2.37 -24.20 18.33
C ARG B 36 -1.50 -24.49 19.55
N GLY B 37 -2.01 -24.23 20.74
CA GLY B 37 -1.28 -24.53 21.96
C GLY B 37 0.03 -23.79 22.10
N GLY B 38 0.13 -22.57 21.54
CA GLY B 38 1.34 -21.79 21.59
C GLY B 38 2.43 -22.25 20.65
N ASP B 39 2.13 -23.15 19.72
CA ASP B 39 3.12 -23.70 18.82
C ASP B 39 2.51 -23.76 17.42
N ILE B 40 3.30 -24.20 16.45
CA ILE B 40 2.80 -24.50 15.11
C ILE B 40 2.57 -26.00 15.03
N PRO B 41 1.38 -26.44 14.62
CA PRO B 41 1.03 -27.88 14.74
C PRO B 41 1.48 -28.72 13.55
N TRP B 42 2.67 -28.44 13.05
CA TRP B 42 3.36 -29.30 12.11
C TRP B 42 4.82 -28.89 12.14
N ARG B 43 5.66 -29.69 11.48
CA ARG B 43 7.06 -29.34 11.31
C ARG B 43 7.40 -29.43 9.84
N LEU B 44 8.01 -28.39 9.30
CA LEU B 44 8.28 -28.31 7.87
C LEU B 44 9.58 -27.57 7.64
N PRO B 45 10.71 -28.29 7.61
CA PRO B 45 12.00 -27.62 7.44
C PRO B 45 12.09 -26.77 6.18
N GLU B 46 11.45 -27.22 5.10
CA GLU B 46 11.47 -26.47 3.86
C GLU B 46 10.85 -25.09 4.04
N ASP B 47 9.81 -25.03 4.87
CA ASP B 47 9.17 -23.74 5.13
C ASP B 47 10.06 -22.86 6.01
N GLN B 48 10.76 -23.45 6.97
CA GLN B 48 11.72 -22.66 7.75
C GLN B 48 12.76 -22.02 6.85
N ALA B 49 13.32 -22.78 5.91
CA ALA B 49 14.31 -22.21 5.00
C ALA B 49 13.71 -21.09 4.15
N HIS B 50 12.47 -21.30 3.68
CA HIS B 50 11.77 -20.29 2.88
C HIS B 50 11.56 -19.01 3.67
N PHE B 51 11.03 -19.13 4.87
CA PHE B 51 10.87 -17.99 5.78
C PHE B 51 12.17 -17.25 5.97
N ARG B 52 13.26 -17.98 6.17
CA ARG B 52 14.55 -17.34 6.38
C ARG B 52 15.00 -16.58 5.14
N GLU B 53 14.79 -17.14 3.95
CA GLU B 53 15.26 -16.49 2.73
C GLU B 53 14.47 -15.21 2.46
N ILE B 54 13.17 -15.23 2.71
CA ILE B 54 12.35 -14.05 2.46
C ILE B 54 12.71 -12.93 3.42
N THR B 55 12.86 -13.26 4.70
CA THR B 55 12.97 -12.21 5.71
C THR B 55 14.40 -11.74 5.94
N MET B 56 15.41 -12.48 5.49
CA MET B 56 16.77 -12.11 5.85
C MET B 56 17.10 -10.68 5.44
N GLY B 57 17.74 -9.94 6.35
CA GLY B 57 18.17 -8.59 6.07
C GLY B 57 17.11 -7.52 6.24
N HIS B 58 15.89 -7.90 6.63
CA HIS B 58 14.80 -6.95 6.76
C HIS B 58 14.42 -6.75 8.22
N THR B 59 13.69 -5.66 8.47
CA THR B 59 13.01 -5.51 9.74
C THR B 59 11.86 -6.50 9.79
N ILE B 60 11.73 -7.22 10.89
CA ILE B 60 10.61 -8.15 11.11
C ILE B 60 9.87 -7.71 12.36
N VAL B 61 8.56 -7.87 12.34
CA VAL B 61 7.68 -7.47 13.44
CA VAL B 61 7.74 -7.50 13.48
C VAL B 61 6.88 -8.69 13.87
N MET B 62 6.77 -8.91 15.19
CA MET B 62 6.03 -10.06 15.69
C MET B 62 5.34 -9.69 17.00
N GLY B 63 4.25 -10.39 17.30
CA GLY B 63 3.62 -10.25 18.59
C GLY B 63 4.43 -10.90 19.69
N ARG B 64 4.18 -10.48 20.93
CA ARG B 64 4.97 -10.99 22.04
C ARG B 64 4.84 -12.52 22.16
N ARG B 65 3.65 -13.06 21.89
CA ARG B 65 3.49 -14.51 22.02
C ARG B 65 4.33 -15.26 20.98
N THR B 66 4.45 -14.68 19.79
CA THR B 66 5.30 -15.28 18.76
C THR B 66 6.78 -15.17 19.13
N TRP B 67 7.20 -14.05 19.70
CA TRP B 67 8.55 -13.98 20.26
C TRP B 67 8.76 -15.08 21.28
N ASP B 68 7.78 -15.28 22.18
CA ASP B 68 7.90 -16.32 23.20
C ASP B 68 7.98 -17.70 22.58
N SER B 69 7.38 -17.88 21.41
CA SER B 69 7.35 -19.18 20.76
C SER B 69 8.60 -19.46 19.93
N LEU B 70 9.41 -18.44 19.68
CA LEU B 70 10.68 -18.66 19.02
C LEU B 70 11.56 -19.55 19.90
N PRO B 71 12.09 -20.65 19.38
CA PRO B 71 13.08 -21.41 20.14
C PRO B 71 14.25 -20.52 20.54
N ALA B 72 14.84 -20.84 21.69
CA ALA B 72 15.78 -19.92 22.33
C ALA B 72 16.98 -19.62 21.43
N LYS B 73 17.39 -20.57 20.60
CA LYS B 73 18.60 -20.39 19.80
C LYS B 73 18.42 -19.37 18.68
N VAL B 74 17.18 -19.15 18.21
CA VAL B 74 16.94 -18.20 17.13
C VAL B 74 16.12 -17.03 17.65
N ARG B 75 16.40 -16.60 18.87
CA ARG B 75 15.67 -15.50 19.51
C ARG B 75 16.68 -14.52 20.06
N PRO B 76 16.95 -13.38 19.38
CA PRO B 76 16.32 -12.88 18.15
C PRO B 76 16.74 -13.63 16.87
N LEU B 77 15.97 -13.47 15.81
CA LEU B 77 16.32 -14.12 14.54
C LEU B 77 17.49 -13.37 13.91
N PRO B 78 18.61 -14.04 13.62
CA PRO B 78 19.81 -13.31 13.18
C PRO B 78 19.65 -12.69 11.80
N GLY B 79 20.38 -11.59 11.59
CA GLY B 79 20.39 -10.92 10.31
C GLY B 79 19.14 -10.14 9.99
N ARG B 80 18.24 -9.99 10.97
CA ARG B 80 17.04 -9.19 10.86
C ARG B 80 16.90 -8.30 12.10
N ARG B 81 16.37 -7.12 11.88
CA ARG B 81 16.06 -6.20 12.98
C ARG B 81 14.74 -6.67 13.60
N ASN B 82 14.81 -7.23 14.81
CA ASN B 82 13.63 -7.84 15.44
C ASN B 82 12.85 -6.78 16.22
N VAL B 83 11.55 -6.68 15.96
CA VAL B 83 10.66 -5.77 16.66
C VAL B 83 9.53 -6.60 17.25
N VAL B 84 9.28 -6.43 18.55
CA VAL B 84 8.26 -7.18 19.27
C VAL B 84 7.18 -6.21 19.74
N LEU B 85 5.93 -6.52 19.42
CA LEU B 85 4.79 -5.72 19.85
C LEU B 85 4.23 -6.29 21.14
N SER B 86 4.13 -5.45 22.16
CA SER B 86 3.60 -5.83 23.46
C SER B 86 2.99 -4.60 24.11
N ARG B 87 2.01 -4.83 24.97
CA ARG B 87 1.51 -3.75 25.81
C ARG B 87 2.30 -3.61 27.10
N GLN B 88 3.28 -4.49 27.34
CA GLN B 88 4.10 -4.47 28.56
C GLN B 88 5.34 -3.62 28.29
N ALA B 89 5.37 -2.41 28.86
CA ALA B 89 6.53 -1.55 28.65
C ALA B 89 7.81 -2.19 29.19
N ASP B 90 7.70 -3.03 30.21
CA ASP B 90 8.86 -3.64 30.84
C ASP B 90 9.24 -4.98 30.23
N PHE B 91 8.71 -5.33 29.06
CA PHE B 91 9.01 -6.64 28.52
C PHE B 91 10.47 -6.75 28.13
N MET B 92 11.09 -7.88 28.47
CA MET B 92 12.49 -8.13 28.18
C MET B 92 12.58 -9.01 26.93
N ALA B 93 12.99 -8.39 25.82
CA ALA B 93 13.26 -9.10 24.56
C ALA B 93 14.70 -8.82 24.18
N SER B 94 15.62 -9.59 24.78
CA SER B 94 17.05 -9.34 24.59
CA SER B 94 17.04 -9.35 24.58
C SER B 94 17.42 -9.43 23.11
N GLY B 95 18.15 -8.41 22.64
CA GLY B 95 18.56 -8.34 21.26
C GLY B 95 17.50 -7.84 20.30
N ALA B 96 16.33 -7.46 20.81
CA ALA B 96 15.23 -6.95 19.99
C ALA B 96 14.77 -5.62 20.57
N GLU B 97 13.84 -4.96 19.88
CA GLU B 97 13.23 -3.74 20.39
C GLU B 97 11.74 -3.99 20.58
N VAL B 98 11.17 -3.35 21.59
CA VAL B 98 9.77 -3.55 21.96
C VAL B 98 9.01 -2.27 21.64
N VAL B 99 7.90 -2.39 20.95
CA VAL B 99 7.03 -1.26 20.64
C VAL B 99 5.66 -1.53 21.23
N GLY B 100 4.97 -0.45 21.59
CA GLY B 100 3.64 -0.52 22.17
C GLY B 100 2.50 -0.32 21.19
N SER B 101 2.78 -0.05 19.93
CA SER B 101 1.76 0.09 18.90
C SER B 101 2.35 -0.37 17.58
N LEU B 102 1.49 -0.88 16.70
CA LEU B 102 2.00 -1.43 15.45
C LEU B 102 2.66 -0.35 14.60
N GLU B 103 2.07 0.83 14.56
CA GLU B 103 2.57 1.89 13.67
C GLU B 103 4.03 2.22 13.95
N GLU B 104 4.46 2.14 15.21
CA GLU B 104 5.86 2.39 15.55
C GLU B 104 6.79 1.34 14.96
N ALA B 105 6.27 0.16 14.65
CA ALA B 105 7.10 -0.90 14.12
C ALA B 105 7.25 -0.87 12.61
N LEU B 106 6.54 0.04 11.92
CA LEU B 106 6.49 0.06 10.46
C LEU B 106 7.19 1.27 9.86
N THR B 107 8.38 1.60 10.39
CA THR B 107 9.13 2.77 9.94
C THR B 107 10.10 2.48 8.80
N SER B 108 10.47 1.22 8.58
CA SER B 108 11.42 0.90 7.51
C SER B 108 10.74 0.98 6.15
N PRO B 109 11.53 1.09 5.08
CA PRO B 109 10.93 1.02 3.73
C PRO B 109 10.29 -0.32 3.45
N GLU B 110 10.81 -1.40 4.05
CA GLU B 110 10.23 -2.72 3.92
C GLU B 110 10.22 -3.39 5.28
N THR B 111 9.10 -4.01 5.63
CA THR B 111 8.94 -4.71 6.90
C THR B 111 8.22 -6.02 6.62
N TRP B 112 8.64 -7.09 7.30
CA TRP B 112 7.92 -8.36 7.23
C TRP B 112 7.30 -8.65 8.57
N VAL B 113 5.98 -8.80 8.59
CA VAL B 113 5.24 -9.19 9.79
C VAL B 113 5.22 -10.72 9.84
N ILE B 114 5.73 -11.29 10.92
CA ILE B 114 5.97 -12.73 10.97
C ILE B 114 5.06 -13.44 11.96
N GLY B 115 4.05 -12.76 12.50
CA GLY B 115 3.01 -13.40 13.30
C GLY B 115 2.82 -12.71 14.64
N GLY B 116 1.89 -13.25 15.43
CA GLY B 116 1.06 -14.38 15.06
C GLY B 116 -0.34 -13.93 14.67
N GLY B 117 -1.34 -14.72 15.06
CA GLY B 117 -2.71 -14.43 14.64
C GLY B 117 -3.16 -13.01 14.93
N GLN B 118 -2.91 -12.53 16.15
CA GLN B 118 -3.34 -11.19 16.52
C GLN B 118 -2.65 -10.13 15.67
N VAL B 119 -1.34 -10.29 15.46
CA VAL B 119 -0.62 -9.23 14.77
C VAL B 119 -0.87 -9.27 13.26
N TYR B 120 -1.10 -10.45 12.67
CA TYR B 120 -1.50 -10.47 11.26
C TYR B 120 -2.76 -9.66 11.06
N ALA B 121 -3.75 -9.85 11.94
CA ALA B 121 -5.02 -9.15 11.80
C ALA B 121 -4.80 -7.64 11.92
N LEU B 122 -3.92 -7.24 12.84
CA LEU B 122 -3.59 -5.84 13.04
C LEU B 122 -2.90 -5.24 11.82
N ALA B 123 -2.01 -6.02 11.18
CA ALA B 123 -1.13 -5.48 10.16
C ALA B 123 -1.74 -5.53 8.78
N LEU B 124 -2.71 -6.40 8.56
CA LEU B 124 -3.25 -6.60 7.21
C LEU B 124 -3.67 -5.30 6.52
N PRO B 125 -4.33 -4.34 7.19
CA PRO B 125 -4.72 -3.11 6.48
C PRO B 125 -3.55 -2.30 5.98
N TYR B 126 -2.33 -2.56 6.45
CA TYR B 126 -1.13 -1.86 5.99
C TYR B 126 -0.37 -2.64 4.94
N ALA B 127 -0.72 -3.88 4.70
CA ALA B 127 0.09 -4.78 3.91
C ALA B 127 -0.23 -4.66 2.42
N THR B 128 0.80 -4.83 1.60
CA THR B 128 0.62 -4.97 0.16
C THR B 128 1.23 -6.24 -0.43
N ARG B 129 1.86 -7.09 0.38
CA ARG B 129 2.38 -8.37 -0.05
C ARG B 129 2.11 -9.41 1.04
N CYS B 130 1.75 -10.63 0.63
CA CYS B 130 1.71 -11.78 1.52
C CYS B 130 2.49 -12.92 0.86
N GLU B 131 3.30 -13.59 1.65
CA GLU B 131 4.02 -14.78 1.22
C GLU B 131 3.51 -15.92 2.08
N VAL B 132 2.79 -16.84 1.47
CA VAL B 132 2.02 -17.84 2.19
C VAL B 132 2.54 -19.23 1.83
N THR B 133 2.77 -20.04 2.85
CA THR B 133 3.00 -21.47 2.65
C THR B 133 1.71 -22.19 3.02
N GLU B 134 1.15 -22.91 2.05
CA GLU B 134 0.00 -23.77 2.30
C GLU B 134 0.52 -25.18 2.56
N VAL B 135 0.24 -25.69 3.75
CA VAL B 135 0.57 -27.06 4.13
C VAL B 135 -0.67 -27.91 3.93
N ASP B 136 -0.55 -28.96 3.12
CA ASP B 136 -1.67 -29.84 2.80
C ASP B 136 -1.90 -30.79 3.97
N ILE B 137 -2.51 -30.27 5.02
CA ILE B 137 -2.83 -31.05 6.21
C ILE B 137 -4.22 -30.66 6.65
N GLY B 138 -5.06 -31.66 6.93
CA GLY B 138 -6.43 -31.40 7.31
C GLY B 138 -6.61 -31.18 8.78
N LEU B 139 -6.38 -29.96 9.23
CA LEU B 139 -6.57 -29.58 10.64
C LEU B 139 -7.77 -28.67 10.75
N PRO B 140 -8.92 -29.16 11.18
CA PRO B 140 -10.09 -28.27 11.31
C PRO B 140 -9.84 -27.20 12.34
N ARG B 141 -10.35 -26.01 12.07
CA ARG B 141 -10.25 -24.92 13.04
CA ARG B 141 -10.25 -24.92 13.04
C ARG B 141 -10.89 -25.34 14.35
N GLU B 142 -10.21 -25.03 15.46
CA GLU B 142 -10.70 -25.33 16.79
C GLU B 142 -10.67 -24.06 17.63
N ALA B 143 -11.46 -24.05 18.70
CA ALA B 143 -11.49 -22.91 19.59
C ALA B 143 -10.09 -22.62 20.14
N GLY B 144 -9.69 -21.35 20.08
CA GLY B 144 -8.39 -20.94 20.56
C GLY B 144 -7.27 -21.01 19.55
N ASP B 145 -7.51 -21.55 18.36
CA ASP B 145 -6.50 -21.57 17.32
C ASP B 145 -6.13 -20.16 16.91
N ALA B 146 -4.87 -19.97 16.54
CA ALA B 146 -4.50 -18.80 15.77
C ALA B 146 -4.76 -19.07 14.29
N LEU B 147 -5.29 -18.08 13.59
CA LEU B 147 -5.70 -18.22 12.21
C LEU B 147 -4.97 -17.26 11.29
N ALA B 148 -4.81 -17.69 10.04
CA ALA B 148 -4.31 -16.79 9.02
C ALA B 148 -5.29 -15.63 8.81
N PRO B 149 -4.78 -14.46 8.43
CA PRO B 149 -5.66 -13.32 8.16
C PRO B 149 -6.48 -13.54 6.90
N VAL B 150 -7.55 -12.76 6.79
CA VAL B 150 -8.52 -12.90 5.71
C VAL B 150 -8.03 -12.14 4.49
N LEU B 151 -7.79 -12.88 3.39
CA LEU B 151 -7.41 -12.26 2.12
C LEU B 151 -8.65 -12.15 1.25
N ASP B 152 -9.07 -10.91 0.98
CA ASP B 152 -10.26 -10.66 0.18
C ASP B 152 -9.87 -10.43 -1.28
N GLU B 153 -10.75 -9.77 -2.05
CA GLU B 153 -10.57 -9.60 -3.48
C GLU B 153 -9.51 -8.55 -3.84
N THR B 154 -9.03 -7.78 -2.87
CA THR B 154 -7.96 -6.83 -3.16
C THR B 154 -6.64 -7.52 -3.47
N TRP B 155 -6.53 -8.82 -3.23
CA TRP B 155 -5.27 -9.55 -3.38
C TRP B 155 -5.26 -10.35 -4.67
N ARG B 156 -4.15 -10.26 -5.41
CA ARG B 156 -3.89 -11.11 -6.56
C ARG B 156 -2.78 -12.09 -6.19
N GLY B 157 -2.99 -13.37 -6.46
CA GLY B 157 -2.07 -14.40 -6.04
C GLY B 157 -1.49 -15.17 -7.19
N GLU B 158 -0.25 -15.61 -7.03
CA GLU B 158 0.40 -16.57 -7.90
C GLU B 158 0.58 -17.86 -7.10
N THR B 159 0.02 -18.95 -7.59
CA THR B 159 0.01 -20.23 -6.90
C THR B 159 1.15 -21.12 -7.37
N GLY B 160 1.98 -21.57 -6.44
CA GLY B 160 3.06 -22.48 -6.78
C GLY B 160 2.61 -23.92 -6.87
N GLU B 161 3.48 -24.74 -7.44
CA GLU B 161 3.16 -26.15 -7.57
C GLU B 161 3.36 -26.86 -6.25
N TRP B 162 2.57 -27.92 -6.03
CA TRP B 162 2.75 -28.77 -4.86
C TRP B 162 4.13 -29.42 -4.89
N ARG B 163 4.76 -29.49 -3.73
CA ARG B 163 5.99 -30.25 -3.54
C ARG B 163 5.86 -31.10 -2.30
N PHE B 164 6.54 -32.24 -2.28
CA PHE B 164 6.67 -33.04 -1.06
C PHE B 164 7.91 -32.60 -0.29
N SER B 165 7.74 -32.40 1.00
CA SER B 165 8.91 -32.22 1.85
C SER B 165 9.65 -33.54 2.03
N ARG B 166 10.83 -33.46 2.63
CA ARG B 166 11.59 -34.67 2.94
C ARG B 166 10.82 -35.58 3.90
N SER B 167 9.95 -35.01 4.72
CA SER B 167 9.12 -35.80 5.63
C SER B 167 7.94 -36.46 4.93
N GLY B 168 7.57 -36.02 3.73
CA GLY B 168 6.40 -36.50 3.04
C GLY B 168 5.20 -35.57 3.09
N LEU B 169 5.29 -34.51 3.90
CA LEU B 169 4.22 -33.53 3.96
C LEU B 169 4.22 -32.70 2.69
N ARG B 170 3.04 -32.48 2.12
CA ARG B 170 2.92 -31.72 0.87
C ARG B 170 2.62 -30.25 1.16
N TYR B 171 3.27 -29.35 0.40
CA TYR B 171 3.10 -27.93 0.61
C TYR B 171 3.26 -27.19 -0.72
N ARG B 172 2.77 -25.96 -0.75
CA ARG B 172 2.96 -25.10 -1.92
C ARG B 172 3.06 -23.66 -1.45
N LEU B 173 3.66 -22.82 -2.30
CA LEU B 173 3.93 -21.43 -1.97
C LEU B 173 3.00 -20.52 -2.78
N TYR B 174 2.49 -19.49 -2.11
CA TYR B 174 1.71 -18.43 -2.74
C TYR B 174 2.41 -17.11 -2.54
N SER B 175 2.48 -16.30 -3.58
CA SER B 175 2.89 -14.90 -3.48
C SER B 175 1.70 -14.03 -3.82
N TYR B 176 1.18 -13.30 -2.84
CA TYR B 176 0.05 -12.40 -3.04
C TYR B 176 0.52 -10.95 -3.09
N HIS B 177 -0.11 -10.17 -3.95
CA HIS B 177 0.20 -8.75 -4.05
C HIS B 177 -1.11 -7.96 -4.02
N ARG B 178 -1.02 -6.75 -3.48
CA ARG B 178 -2.14 -5.82 -3.37
CA ARG B 178 -2.15 -5.82 -3.39
C ARG B 178 -1.78 -4.58 -4.18
N SER B 179 -2.48 -4.37 -5.29
CA SER B 179 -2.19 -3.20 -6.11
C SER B 179 -3.42 -2.77 -6.88
PA NAP C . -11.55 16.15 -17.21
O1A NAP C . -12.12 16.01 -15.83
O2A NAP C . -10.14 15.66 -17.38
O5B NAP C . -12.39 15.46 -18.39
C5B NAP C . -13.69 15.90 -18.61
C4B NAP C . -14.28 14.87 -19.57
O4B NAP C . -14.35 13.70 -18.96
C3B NAP C . -15.74 15.22 -19.92
O3B NAP C . -15.77 16.15 -20.96
C2B NAP C . -16.28 13.84 -20.29
O2B NAP C . -15.67 13.35 -21.54
C1B NAP C . -15.75 13.06 -19.37
N9A NAP C . -16.49 12.94 -18.14
C8A NAP C . -16.57 13.69 -17.04
N7A NAP C . -17.40 13.12 -16.19
C5A NAP C . -17.84 11.97 -16.75
C6A NAP C . -18.72 10.99 -16.31
N6A NAP C . -19.42 10.94 -15.05
N1A NAP C . -18.98 9.96 -17.08
C2A NAP C . -18.43 9.86 -18.33
N3A NAP C . -17.57 10.80 -18.76
C4A NAP C . -17.28 11.86 -17.96
O3 NAP C . -11.60 17.72 -17.73
PN NAP C . -11.13 19.12 -16.91
O1N NAP C . -11.96 19.31 -15.67
O2N NAP C . -11.31 20.23 -17.95
O5D NAP C . -9.56 18.90 -16.51
C5D NAP C . -8.58 18.87 -17.53
C4D NAP C . -7.60 19.97 -17.11
O4D NAP C . -7.09 19.63 -15.92
C3D NAP C . -6.40 20.06 -18.06
O3D NAP C . -5.97 21.36 -18.14
C2D NAP C . -5.33 19.23 -17.33
O2D NAP C . -3.99 19.66 -17.82
C1D NAP C . -5.50 19.54 -16.06
N1N NAP C . -5.07 18.52 -15.12
C2N NAP C . -4.32 18.90 -14.04
C3N NAP C . -3.87 17.97 -13.10
C7N NAP C . -3.04 18.40 -11.92
O7N NAP C . -2.79 17.66 -11.04
N7N NAP C . -2.55 19.75 -11.87
C4N NAP C . -4.25 16.65 -13.25
C5N NAP C . -5.01 16.26 -14.34
C6N NAP C . -5.45 17.22 -15.27
P2B NAP C . -16.34 13.57 -23.03
O1X NAP C . -17.72 12.95 -22.99
O2X NAP C . -16.42 15.06 -23.34
O3X NAP C . -15.43 12.87 -24.02
C10 H4U D . -0.84 15.05 -12.15
C13 H4U D . -1.85 13.51 -15.36
C15 H4U D . -0.86 15.42 -16.78
C17 H4U D . 1.42 14.64 -17.15
C20 H4U D . 4.11 15.34 -17.30
C21 H4U D . 3.73 14.03 -17.14
C22 H4U D . 4.75 12.91 -17.02
C24 H4U D . 6.23 11.73 -15.32
C01 H4U D . 2.51 15.42 -13.20
C02 H4U D . 1.23 16.26 -12.94
C03 H4U D . 0.35 15.65 -11.87
N04 H4U D . 0.78 15.73 -10.60
C05 H4U D . 0.07 15.23 -9.62
N06 H4U D . 0.55 15.32 -8.35
N07 H4U D . -1.11 14.62 -9.81
C08 H4U D . -1.56 14.53 -11.05
N09 H4U D . -2.76 13.92 -11.25
O11 H4U D . -1.35 14.93 -13.42
C12 H4U D . -0.91 13.77 -14.19
C14 H4U D . -2.12 14.75 -16.26
O16 H4U D . 0.08 14.37 -17.09
C18 H4U D . 1.79 15.97 -17.33
C19 H4U D . 3.11 16.32 -17.41
C23 H4U D . 5.15 12.80 -15.52
C25 H4U D . 5.59 10.40 -15.50
N26 H4U D . 4.52 9.98 -14.88
N27 H4U D . 4.29 8.69 -15.37
N28 H4U D . 5.17 8.36 -16.24
N29 H4U D . 6.02 9.45 -16.35
C30 H4U D . 2.40 13.66 -17.06
CL CL E . 5.12 19.17 -14.02
PA NAP F . 0.75 -12.93 18.72
O1A NAP F . 0.01 -12.20 17.67
O2A NAP F . 2.03 -13.55 18.32
O5B NAP F . 1.09 -11.96 19.99
C5B NAP F . 0.02 -11.46 20.72
C4B NAP F . 0.63 -10.40 21.65
O4B NAP F . 1.03 -9.38 20.94
C3B NAP F . -0.42 -9.81 22.62
O3B NAP F . -0.60 -10.65 23.70
C2B NAP F . 0.25 -8.48 22.96
O2B NAP F . 1.44 -8.72 23.79
C1B NAP F . 0.68 -8.06 21.79
N9A NAP F . -0.35 -7.35 21.08
C8A NAP F . -1.35 -7.78 20.31
N7A NAP F . -2.03 -6.71 19.88
C5A NAP F . -1.44 -5.62 20.41
C6A NAP F . -1.74 -4.27 20.28
N6A NAP F . -2.82 -3.69 19.53
N1A NAP F . -0.99 -3.37 20.91
C2A NAP F . 0.07 -3.78 21.66
N3A NAP F . 0.39 -5.08 21.79
C4A NAP F . -0.40 -6.00 21.14
O3 NAP F . -0.22 -14.04 19.47
PN NAP F . -1.24 -15.21 18.78
O1N NAP F . -2.34 -14.55 18.00
O2N NAP F . -1.70 -16.03 19.98
O5D NAP F . -0.23 -16.05 17.78
C5D NAP F . 0.73 -16.94 18.33
C4D NAP F . 0.39 -18.30 17.68
O4D NAP F . 0.57 -18.19 16.37
C3D NAP F . 1.32 -19.41 18.15
O3D NAP F . 0.66 -20.62 18.16
C2D NAP F . 2.44 -19.38 17.08
O2D NAP F . 3.16 -20.69 17.11
C1D NAP F . 1.75 -19.20 15.96
N1N NAP F . 2.45 -18.64 14.83
C2N NAP F . 2.36 -19.26 13.62
C3N NAP F . 3.00 -18.77 12.49
C7N NAP F . 2.89 -19.46 11.17
O7N NAP F . 3.29 -18.97 10.19
N7N NAP F . 2.28 -20.76 11.14
C4N NAP F . 3.75 -17.60 12.58
C5N NAP F . 3.83 -16.96 13.80
C6N NAP F . 3.18 -17.47 14.93
P2B NAP F . 1.36 -8.58 25.45
O1X NAP F . 0.83 -7.24 25.82
O2X NAP F . 0.33 -9.63 25.93
O3X NAP F . 2.75 -8.92 25.97
C10 H4U G . 6.68 -18.57 10.30
C13 H4U G . 8.00 -17.21 13.49
C15 H4U G . 7.92 -19.58 14.52
C17 H4U G . 10.16 -20.49 14.13
C20 H4U G . 11.66 -22.73 13.41
C21 H4U G . 12.13 -21.46 13.18
C22 H4U G . 13.45 -21.19 12.49
C24 H4U G . 14.34 -20.57 10.15
C01 H4U G . 8.84 -21.32 10.36
C02 H4U G . 7.35 -20.97 10.61
C03 H4U G . 6.93 -19.80 9.77
N04 H4U G . 6.81 -19.98 8.45
C05 H4U G . 6.42 -18.98 7.67
N06 H4U G . 6.31 -19.21 6.35
N07 H4U G . 6.16 -17.74 8.11
C08 H4U G . 6.30 -17.55 9.41
N09 H4U G . 6.05 -16.33 9.90
O11 H4U G . 6.80 -18.27 11.65
C12 H4U G . 8.11 -17.77 12.08
C14 H4U G . 7.35 -18.17 14.52
O16 H4U G . 9.36 -19.45 14.52
C18 H4U G . 9.68 -21.78 14.39
C19 H4U G . 10.42 -22.89 14.03
C23 H4U G . 13.11 -20.64 11.08
C25 H4U G . 15.36 -19.65 10.72
N26 H4U G . 15.39 -18.34 10.63
N27 H4U G . 16.55 -17.96 11.34
N28 H4U G . 17.16 -18.97 11.82
N29 H4U G . 16.42 -20.08 11.45
C30 H4U G . 11.38 -20.33 13.52
CL CL H . 8.19 -25.53 10.99
#